data_5FAL
#
_entry.id   5FAL
#
_cell.length_a   47.771
_cell.length_b   63.521
_cell.length_c   154.481
_cell.angle_alpha   90.00
_cell.angle_beta   90.00
_cell.angle_gamma   90.00
#
_symmetry.space_group_name_H-M   'P 21 21 21'
#
loop_
_entity.id
_entity.type
_entity.pdbx_description
1 polymer 'Hydroxycinnamoyl-CoA shikimate/quinate hydroxycinnamoyltransferase 2'
2 non-polymer 'COENZYME A'
3 non-polymer '(3~{R},4~{R},5~{R})-5-[(~{E})-3-(4-hydroxyphenyl)prop-2-enoyl]oxy-3,4-bis(oxidanyl)cyclohexene-1-carboxylic acid'
4 non-polymer GLYCEROL
5 water water
#
_entity_poly.entity_id   1
_entity_poly.type   'polypeptide(L)'
_entity_poly.pdbx_seq_one_letter_code
;GHMKITVRGSEMVYPAAETPRRRLWNSGPDLVVPRFHTPSVYFFRRRDGEGNDLAAADGSFFDGARMRRALAEALVPFYP
MAGRLARDEDGRVEIDCNAGGVLFQEADAPDATVDDFGDFAPTMELKRLIPTVEYTDDISAFPLLVVQVTHFKCGGVAIG
VGMQHHVADGFSGLHFINSWADLCRGVPFAVMPYIDRSLLRARDPPTPVYPHVEYQPAPAMLSEPPQAPLMAKPATPPAA
VAIFRLSRADLGRLRSQIPAREGVPRLSTYAVLAAHVWRCASLARGLPADQPTKLYCATDGRQRLQPPLPEGYFGNVIFT
ATPLADAGTVTAGVAEGAAVIQAALDRMDEGYCRSALDYLELQPDLSALVRGAHTFRCPNLGLTSWVRLPIHDADFGWGR
PVFMGPGGIAYEGLAFVLPSANRDGSLSVAISLQAEHMEKFRKFIYDF
;
_entity_poly.pdbx_strand_id   A
#
loop_
_chem_comp.id
_chem_comp.type
_chem_comp.name
_chem_comp.formula
COA non-polymer 'COENZYME A' 'C21 H36 N7 O16 P3 S'
GOL non-polymer GLYCEROL 'C3 H8 O3'
SKT non-polymer '(3~{R},4~{R},5~{R})-5-[(~{E})-3-(4-hydroxyphenyl)prop-2-enoyl]oxy-3,4-bis(oxidanyl)cyclohexene-1-carboxylic acid' 'C16 H16 O7'
#
# COMPACT_ATOMS: atom_id res chain seq x y z
N HIS A 2 -7.90 -21.96 12.66
CA HIS A 2 -6.86 -22.00 11.57
C HIS A 2 -7.31 -22.83 10.37
N MET A 3 -7.44 -22.12 9.25
CA MET A 3 -8.00 -22.65 8.02
C MET A 3 -7.15 -23.70 7.32
N LYS A 4 -7.75 -24.76 6.82
CA LYS A 4 -7.01 -25.70 6.00
C LYS A 4 -6.81 -25.13 4.60
N ILE A 5 -5.58 -24.75 4.30
CA ILE A 5 -5.17 -24.33 2.95
C ILE A 5 -4.06 -25.23 2.44
N THR A 6 -4.31 -25.88 1.31
CA THR A 6 -3.35 -26.80 0.71
C THR A 6 -2.87 -26.23 -0.62
N VAL A 7 -1.56 -25.99 -0.75
CA VAL A 7 -1.00 -25.45 -1.99
C VAL A 7 -0.84 -26.54 -3.06
N ARG A 8 -1.54 -26.39 -4.19
CA ARG A 8 -1.49 -27.38 -5.28
C ARG A 8 -0.08 -27.57 -5.82
N GLY A 9 0.69 -26.49 -5.84
CA GLY A 9 2.04 -26.52 -6.36
C GLY A 9 2.43 -25.16 -6.94
N SER A 10 3.73 -24.93 -7.06
CA SER A 10 4.26 -23.62 -7.42
C SER A 10 5.12 -23.68 -8.68
N GLU A 11 5.10 -22.58 -9.41
CA GLU A 11 5.76 -22.43 -10.70
C GLU A 11 6.43 -21.05 -10.77
N MET A 12 7.67 -20.99 -11.25
CA MET A 12 8.27 -19.73 -11.65
C MET A 12 7.73 -19.41 -13.03
N VAL A 13 7.28 -18.19 -13.23
CA VAL A 13 6.72 -17.74 -14.50
C VAL A 13 7.64 -16.65 -15.04
N TYR A 14 8.01 -16.76 -16.32
CA TYR A 14 9.01 -15.89 -16.93
C TYR A 14 8.36 -15.07 -18.05
N PRO A 15 9.00 -13.95 -18.41
CA PRO A 15 8.51 -13.20 -19.58
C PRO A 15 8.46 -14.06 -20.84
N ALA A 16 7.39 -13.87 -21.62
CA ALA A 16 7.10 -14.73 -22.77
C ALA A 16 7.76 -14.23 -24.08
N ALA A 17 8.67 -13.27 -23.93
CA ALA A 17 9.45 -12.79 -25.04
C ALA A 17 10.72 -12.13 -24.53
N GLU A 18 11.59 -11.73 -25.45
CA GLU A 18 12.83 -11.05 -25.12
C GLU A 18 12.53 -9.85 -24.24
N THR A 19 13.37 -9.62 -23.24
CA THR A 19 13.32 -8.45 -22.38
C THR A 19 14.75 -7.98 -22.18
N PRO A 20 14.94 -6.68 -21.90
CA PRO A 20 16.30 -6.17 -21.72
C PRO A 20 17.00 -6.78 -20.52
N ARG A 21 18.25 -7.19 -20.72
CA ARG A 21 19.10 -7.65 -19.63
C ARG A 21 19.93 -6.45 -19.18
N ARG A 22 19.63 -5.94 -17.99
CA ARG A 22 20.24 -4.71 -17.50
C ARG A 22 20.10 -4.51 -16.01
N ARG A 23 20.94 -3.65 -15.45
CA ARG A 23 20.75 -3.13 -14.09
C ARG A 23 19.87 -1.90 -14.18
N LEU A 24 18.91 -1.79 -13.29
CA LEU A 24 17.96 -0.68 -13.30
C LEU A 24 18.14 0.13 -12.02
N TRP A 25 18.62 1.36 -12.19
CA TRP A 25 18.88 2.27 -11.08
C TRP A 25 17.57 2.60 -10.36
N ASN A 26 17.64 2.67 -9.03
CA ASN A 26 16.49 3.03 -8.20
C ASN A 26 16.65 4.44 -7.65
N SER A 27 15.54 5.18 -7.62
CA SER A 27 15.56 6.56 -7.15
C SER A 27 15.51 6.58 -5.63
N GLY A 28 15.74 7.77 -5.07
CA GLY A 28 15.67 7.95 -3.64
C GLY A 28 14.37 7.40 -3.08
N PRO A 29 13.22 7.82 -3.65
CA PRO A 29 11.94 7.35 -3.13
C PRO A 29 11.77 5.83 -3.19
N ASP A 30 12.36 5.18 -4.21
CA ASP A 30 12.39 3.72 -4.31
C ASP A 30 13.12 3.05 -3.13
N LEU A 31 14.05 3.77 -2.50
CA LEU A 31 14.96 3.14 -1.55
C LEU A 31 14.56 3.34 -0.12
N VAL A 32 13.63 4.26 0.18
CA VAL A 32 13.24 4.51 1.57
C VAL A 32 11.82 3.99 1.96
N VAL A 33 11.11 3.44 1.01
CA VAL A 33 9.91 2.64 1.31
C VAL A 33 10.27 1.41 2.17
N PRO A 34 9.29 0.81 2.89
CA PRO A 34 9.62 -0.31 3.78
C PRO A 34 10.27 -1.51 3.07
N ARG A 35 10.91 -2.36 3.82
CA ARG A 35 11.57 -3.54 3.29
C ARG A 35 10.56 -4.64 2.93
N PHE A 36 11.03 -5.71 2.31
CA PHE A 36 10.18 -6.87 2.03
C PHE A 36 8.99 -6.56 1.08
N HIS A 37 8.05 -7.50 1.04
CA HIS A 37 7.01 -7.54 0.01
C HIS A 37 5.68 -6.99 0.51
N THR A 38 5.17 -5.98 -0.18
CA THR A 38 3.88 -5.38 0.16
CA THR A 38 3.88 -5.38 0.17
C THR A 38 2.75 -6.36 -0.09
N PRO A 39 1.93 -6.63 0.94
CA PRO A 39 0.86 -7.61 0.72
C PRO A 39 -0.48 -7.02 0.38
N SER A 40 -1.13 -7.61 -0.60
CA SER A 40 -2.51 -7.27 -0.90
C SER A 40 -3.28 -8.55 -1.26
N VAL A 41 -4.58 -8.53 -0.97
CA VAL A 41 -5.40 -9.70 -1.26
C VAL A 41 -6.70 -9.25 -1.93
N TYR A 42 -7.08 -9.98 -2.98
CA TYR A 42 -8.34 -9.81 -3.70
C TYR A 42 -9.26 -10.97 -3.39
N PHE A 43 -10.55 -10.71 -3.19
CA PHE A 43 -11.53 -11.78 -3.13
C PHE A 43 -12.54 -11.68 -4.24
N PHE A 44 -12.90 -12.83 -4.79
CA PHE A 44 -13.89 -12.93 -5.83
C PHE A 44 -14.90 -13.99 -5.45
N ARG A 45 -16.17 -13.66 -5.63
CA ARG A 45 -17.22 -14.65 -5.34
C ARG A 45 -17.61 -15.36 -6.62
N ARG A 46 -18.20 -16.53 -6.47
CA ARG A 46 -18.53 -17.39 -7.59
C ARG A 46 -19.83 -16.95 -8.24
N ARG A 47 -20.64 -16.24 -7.48
CA ARG A 47 -21.88 -15.68 -8.00
C ARG A 47 -21.88 -14.16 -7.85
N ASP A 48 -22.53 -13.46 -8.79
CA ASP A 48 -22.70 -12.02 -8.67
C ASP A 48 -23.86 -11.76 -7.72
N GLY A 49 -24.06 -10.48 -7.38
CA GLY A 49 -25.07 -10.07 -6.43
C GLY A 49 -26.44 -10.64 -6.74
N GLU A 50 -26.72 -10.78 -8.02
CA GLU A 50 -28.00 -11.27 -8.49
C GLU A 50 -28.03 -12.80 -8.59
N GLY A 51 -26.93 -13.45 -8.22
CA GLY A 51 -26.89 -14.89 -8.04
C GLY A 51 -26.51 -15.73 -9.25
N ASN A 52 -26.15 -15.11 -10.36
CA ASN A 52 -25.69 -15.84 -11.53
C ASN A 52 -24.26 -16.33 -11.36
N ASP A 53 -23.97 -17.52 -11.86
CA ASP A 53 -22.61 -18.05 -11.84
C ASP A 53 -21.72 -17.16 -12.69
N LEU A 54 -20.53 -16.88 -12.18
CA LEU A 54 -19.60 -15.99 -12.86
C LEU A 54 -18.52 -16.76 -13.63
N ALA A 55 -18.63 -18.08 -13.65
CA ALA A 55 -17.80 -18.88 -14.53
C ALA A 55 -18.07 -18.41 -15.96
N ALA A 56 -17.05 -18.48 -16.81
CA ALA A 56 -17.17 -18.03 -18.20
C ALA A 56 -17.90 -19.08 -19.02
N ALA A 57 -18.13 -18.76 -20.29
CA ALA A 57 -18.91 -19.63 -21.16
C ALA A 57 -18.26 -21.00 -21.33
N ASP A 58 -16.93 -21.05 -21.24
CA ASP A 58 -16.19 -22.30 -21.40
C ASP A 58 -16.08 -23.08 -20.08
N GLY A 59 -16.76 -22.57 -19.06
CA GLY A 59 -16.76 -23.21 -17.75
C GLY A 59 -15.65 -22.76 -16.83
N SER A 60 -14.71 -21.96 -17.36
CA SER A 60 -13.54 -21.57 -16.58
C SER A 60 -13.88 -20.62 -15.43
N PHE A 61 -13.08 -20.67 -14.39
CA PHE A 61 -13.13 -19.68 -13.32
C PHE A 61 -11.78 -19.62 -12.62
N PHE A 62 -11.04 -18.56 -12.95
CA PHE A 62 -9.64 -18.39 -12.57
C PHE A 62 -8.81 -19.63 -12.89
N ASP A 63 -8.84 -19.98 -14.17
CA ASP A 63 -8.02 -21.06 -14.71
C ASP A 63 -6.56 -20.69 -14.61
N GLY A 64 -5.77 -21.54 -13.95
CA GLY A 64 -4.39 -21.21 -13.67
C GLY A 64 -3.54 -21.03 -14.93
N ALA A 65 -3.78 -21.87 -15.91
CA ALA A 65 -2.97 -21.86 -17.12
C ALA A 65 -3.13 -20.52 -17.83
N ARG A 66 -4.38 -20.09 -17.89
CA ARG A 66 -4.75 -18.87 -18.57
C ARG A 66 -4.13 -17.69 -17.86
N MET A 67 -4.17 -17.76 -16.55
CA MET A 67 -3.60 -16.71 -15.73
C MET A 67 -2.09 -16.64 -15.87
N ARG A 68 -1.44 -17.80 -15.95
CA ARG A 68 -0.01 -17.84 -16.08
C ARG A 68 0.44 -17.35 -17.46
N ARG A 69 -0.33 -17.68 -18.50
CA ARG A 69 -0.01 -17.19 -19.84
C ARG A 69 -0.08 -15.67 -19.87
N ALA A 70 -1.11 -15.11 -19.25
CA ALA A 70 -1.29 -13.66 -19.27
C ALA A 70 -0.21 -12.98 -18.43
N LEU A 71 0.18 -13.62 -17.34
CA LEU A 71 1.24 -13.14 -16.49
C LEU A 71 2.56 -13.05 -17.23
N ALA A 72 2.91 -14.13 -17.92
CA ALA A 72 4.11 -14.17 -18.73
C ALA A 72 4.11 -13.09 -19.81
N GLU A 73 2.93 -12.80 -20.38
CA GLU A 73 2.81 -11.72 -21.37
C GLU A 73 3.00 -10.36 -20.70
N ALA A 74 2.41 -10.18 -19.53
CA ALA A 74 2.51 -8.91 -18.80
C ALA A 74 3.96 -8.60 -18.38
N LEU A 75 4.78 -9.65 -18.19
CA LEU A 75 6.14 -9.45 -17.68
C LEU A 75 7.09 -9.02 -18.80
N VAL A 76 6.61 -8.97 -20.02
CA VAL A 76 7.46 -8.48 -21.11
C VAL A 76 7.59 -6.92 -21.00
N PRO A 77 6.48 -6.18 -21.05
CA PRO A 77 6.67 -4.72 -20.91
C PRO A 77 7.04 -4.30 -19.48
N PHE A 78 6.52 -5.05 -18.50
CA PHE A 78 6.85 -4.82 -17.09
C PHE A 78 8.03 -5.70 -16.61
N TYR A 79 9.07 -5.84 -17.45
CA TYR A 79 10.11 -6.83 -17.15
C TYR A 79 10.87 -6.63 -15.82
N PRO A 80 10.95 -5.41 -15.28
CA PRO A 80 11.67 -5.36 -14.00
C PRO A 80 10.97 -6.16 -12.89
N MET A 81 9.67 -6.36 -13.06
CA MET A 81 8.92 -7.14 -12.10
C MET A 81 9.44 -8.58 -12.06
N ALA A 82 10.10 -9.02 -13.15
CA ALA A 82 10.63 -10.39 -13.24
C ALA A 82 12.10 -10.48 -12.81
N GLY A 83 12.62 -9.38 -12.32
CA GLY A 83 14.02 -9.30 -11.96
C GLY A 83 14.31 -9.71 -10.53
N ARG A 84 15.48 -9.30 -10.05
CA ARG A 84 15.94 -9.60 -8.71
C ARG A 84 16.61 -8.34 -8.16
N LEU A 85 16.66 -8.21 -6.85
CA LEU A 85 17.42 -7.14 -6.24
C LEU A 85 18.90 -7.43 -6.37
N ALA A 86 19.70 -6.37 -6.40
CA ALA A 86 21.15 -6.46 -6.44
C ALA A 86 21.66 -5.13 -5.93
N ARG A 87 22.98 -4.99 -5.87
CA ARG A 87 23.59 -3.71 -5.47
C ARG A 87 24.57 -3.29 -6.55
N ASP A 88 24.72 -1.99 -6.74
CA ASP A 88 25.72 -1.47 -7.66
C ASP A 88 27.06 -1.45 -6.93
N GLU A 89 28.07 -0.92 -7.59
CA GLU A 89 29.44 -0.94 -7.05
C GLU A 89 29.58 -0.15 -5.75
N ASP A 90 28.64 0.75 -5.48
CA ASP A 90 28.73 1.59 -4.29
C ASP A 90 27.82 1.07 -3.20
N GLY A 91 27.21 -0.09 -3.45
CA GLY A 91 26.34 -0.74 -2.48
C GLY A 91 24.90 -0.25 -2.49
N ARG A 92 24.54 0.54 -3.50
CA ARG A 92 23.17 1.05 -3.60
C ARG A 92 22.30 -0.02 -4.24
N VAL A 93 21.18 -0.33 -3.61
CA VAL A 93 20.25 -1.33 -4.16
C VAL A 93 19.71 -0.90 -5.51
N GLU A 94 19.69 -1.85 -6.44
CA GLU A 94 19.12 -1.62 -7.77
C GLU A 94 18.37 -2.87 -8.20
N ILE A 95 17.69 -2.80 -9.34
CA ILE A 95 16.97 -3.97 -9.81
C ILE A 95 17.78 -4.62 -10.91
N ASP A 96 18.11 -5.89 -10.72
CA ASP A 96 18.80 -6.69 -11.72
C ASP A 96 17.74 -7.32 -12.59
N CYS A 97 17.55 -6.73 -13.77
CA CYS A 97 16.60 -7.23 -14.75
C CYS A 97 17.21 -8.42 -15.49
N ASN A 98 16.92 -9.59 -14.95
CA ASN A 98 17.56 -10.82 -15.39
C ASN A 98 16.55 -11.91 -15.75
N ALA A 99 15.27 -11.55 -15.75
CA ALA A 99 14.21 -12.50 -16.13
C ALA A 99 14.26 -13.77 -15.27
N GLY A 100 14.53 -13.58 -13.98
CA GLY A 100 14.52 -14.67 -13.01
C GLY A 100 13.10 -15.16 -12.73
N GLY A 101 12.10 -14.33 -12.98
CA GLY A 101 10.73 -14.79 -13.02
C GLY A 101 10.00 -14.51 -11.72
N VAL A 102 8.70 -14.79 -11.73
CA VAL A 102 7.85 -14.53 -10.55
C VAL A 102 7.23 -15.83 -10.10
N LEU A 103 6.88 -15.89 -8.82
CA LEU A 103 6.30 -17.11 -8.30
C LEU A 103 4.80 -17.08 -8.45
N PHE A 104 4.26 -18.16 -8.99
CA PHE A 104 2.81 -18.31 -9.08
C PHE A 104 2.41 -19.67 -8.53
N GLN A 105 1.46 -19.70 -7.61
CA GLN A 105 1.03 -20.98 -7.07
C GLN A 105 -0.47 -20.98 -6.82
N GLU A 106 -1.07 -22.16 -6.96
CA GLU A 106 -2.48 -22.35 -6.71
C GLU A 106 -2.69 -23.12 -5.40
N ALA A 107 -3.79 -22.82 -4.73
CA ALA A 107 -4.11 -23.51 -3.48
C ALA A 107 -5.61 -23.82 -3.39
N ASP A 108 -5.94 -24.77 -2.52
CA ASP A 108 -7.31 -25.10 -2.19
C ASP A 108 -7.56 -24.98 -0.71
N ALA A 109 -8.71 -24.41 -0.37
CA ALA A 109 -9.20 -24.34 0.99
C ALA A 109 -10.58 -24.99 0.99
N PRO A 110 -10.62 -26.32 1.05
CA PRO A 110 -11.83 -27.08 0.78
C PRO A 110 -12.91 -26.95 1.85
N ASP A 111 -12.55 -26.41 3.01
CA ASP A 111 -13.49 -26.29 4.12
C ASP A 111 -14.01 -24.87 4.29
N ALA A 112 -13.24 -23.88 3.84
CA ALA A 112 -13.59 -22.48 4.06
C ALA A 112 -14.29 -21.82 2.88
N THR A 113 -15.07 -20.78 3.19
CA THR A 113 -15.73 -19.97 2.17
C THR A 113 -15.25 -18.54 2.26
N VAL A 114 -15.57 -17.74 1.25
CA VAL A 114 -15.24 -16.33 1.32
C VAL A 114 -15.95 -15.68 2.52
N ASP A 115 -17.16 -16.14 2.83
CA ASP A 115 -17.92 -15.62 3.98
C ASP A 115 -17.14 -15.80 5.29
N ASP A 116 -16.32 -16.84 5.37
CA ASP A 116 -15.60 -17.15 6.61
C ASP A 116 -14.57 -16.07 6.99
N PHE A 117 -14.16 -15.26 6.02
CA PHE A 117 -13.18 -14.21 6.30
C PHE A 117 -13.80 -12.94 6.86
N GLY A 118 -15.12 -12.92 6.97
CA GLY A 118 -15.83 -11.80 7.57
C GLY A 118 -15.57 -10.46 6.92
N ASP A 119 -15.13 -9.50 7.75
CA ASP A 119 -14.82 -8.12 7.35
C ASP A 119 -13.49 -7.99 6.60
N PHE A 120 -12.80 -9.10 6.41
CA PHE A 120 -11.55 -9.11 5.67
C PHE A 120 -10.44 -8.27 6.35
N ALA A 121 -10.48 -8.17 7.67
CA ALA A 121 -9.38 -7.50 8.39
C ALA A 121 -8.04 -8.18 8.06
N PRO A 122 -6.95 -7.39 7.91
CA PRO A 122 -5.63 -7.93 7.52
C PRO A 122 -4.89 -8.62 8.68
N THR A 123 -5.53 -9.67 9.19
CA THR A 123 -4.97 -10.54 10.19
C THR A 123 -4.07 -11.57 9.53
N MET A 124 -3.47 -12.43 10.34
CA MET A 124 -2.62 -13.52 9.83
C MET A 124 -3.44 -14.50 8.98
N GLU A 125 -4.73 -14.59 9.27
CA GLU A 125 -5.68 -15.35 8.45
C GLU A 125 -5.58 -14.94 6.99
N LEU A 126 -5.46 -13.64 6.75
CA LEU A 126 -5.33 -13.16 5.38
C LEU A 126 -3.93 -13.35 4.83
N LYS A 127 -2.94 -13.20 5.70
CA LYS A 127 -1.56 -13.26 5.27
C LYS A 127 -1.29 -14.62 4.66
N ARG A 128 -2.00 -15.65 5.14
CA ARG A 128 -1.78 -17.01 4.63
C ARG A 128 -2.19 -17.19 3.18
N LEU A 129 -2.88 -16.18 2.62
CA LEU A 129 -3.33 -16.23 1.25
C LEU A 129 -2.28 -15.69 0.29
N ILE A 130 -1.14 -15.27 0.83
CA ILE A 130 -0.01 -14.75 0.04
C ILE A 130 1.19 -15.66 0.27
N PRO A 131 1.96 -15.98 -0.79
CA PRO A 131 3.12 -16.85 -0.53
C PRO A 131 4.07 -16.24 0.48
N THR A 132 4.68 -17.11 1.28
CA THR A 132 5.69 -16.73 2.26
C THR A 132 7.05 -16.60 1.59
N VAL A 133 7.75 -15.50 1.85
CA VAL A 133 9.12 -15.33 1.34
C VAL A 133 10.14 -15.47 2.46
N GLU A 134 11.16 -16.29 2.21
CA GLU A 134 12.32 -16.46 3.09
C GLU A 134 13.37 -15.39 2.79
N TYR A 135 13.56 -14.47 3.71
CA TYR A 135 14.63 -13.49 3.57
C TYR A 135 15.90 -13.95 4.27
N THR A 136 16.98 -13.98 3.52
CA THR A 136 18.32 -14.22 4.02
C THR A 136 19.15 -12.99 3.72
N ASP A 137 20.45 -13.06 4.00
CA ASP A 137 21.34 -11.95 3.68
C ASP A 137 21.51 -11.75 2.18
N ASP A 138 21.14 -12.76 1.40
CA ASP A 138 21.23 -12.70 -0.06
C ASP A 138 19.96 -12.03 -0.60
N ILE A 139 20.04 -10.74 -0.93
CA ILE A 139 18.83 -10.04 -1.35
C ILE A 139 18.44 -10.40 -2.78
N SER A 140 19.33 -11.09 -3.50
CA SER A 140 19.04 -11.50 -4.87
C SER A 140 18.32 -12.84 -4.93
N ALA A 141 18.07 -13.45 -3.78
CA ALA A 141 17.62 -14.83 -3.71
C ALA A 141 16.14 -15.01 -4.01
N PHE A 142 15.32 -13.99 -3.78
CA PHE A 142 13.86 -14.15 -3.85
C PHE A 142 13.24 -13.38 -5.00
N PRO A 143 12.08 -13.86 -5.51
CA PRO A 143 11.34 -13.14 -6.54
C PRO A 143 10.82 -11.82 -6.03
N LEU A 144 10.62 -10.86 -6.94
CA LEU A 144 10.11 -9.57 -6.55
C LEU A 144 8.61 -9.59 -6.43
N LEU A 145 8.00 -10.62 -7.05
CA LEU A 145 6.56 -10.79 -7.06
C LEU A 145 6.26 -12.24 -6.78
N VAL A 146 5.36 -12.46 -5.83
CA VAL A 146 4.85 -13.78 -5.51
C VAL A 146 3.32 -13.69 -5.51
N VAL A 147 2.67 -14.69 -6.08
CA VAL A 147 1.22 -14.71 -6.19
C VAL A 147 0.66 -16.08 -5.83
N GLN A 148 -0.44 -16.07 -5.07
CA GLN A 148 -1.20 -17.28 -4.79
C GLN A 148 -2.68 -17.11 -5.15
N VAL A 149 -3.22 -18.12 -5.83
CA VAL A 149 -4.63 -18.16 -6.18
C VAL A 149 -5.24 -19.28 -5.38
N THR A 150 -6.11 -18.92 -4.45
CA THR A 150 -6.75 -19.88 -3.56
C THR A 150 -8.22 -20.06 -3.90
N HIS A 151 -8.63 -21.32 -3.96
CA HIS A 151 -9.98 -21.67 -4.33
C HIS A 151 -10.73 -22.16 -3.12
N PHE A 152 -11.94 -21.65 -2.92
CA PHE A 152 -12.70 -21.93 -1.72
C PHE A 152 -13.89 -22.86 -1.95
N LYS A 153 -14.45 -23.35 -0.85
CA LYS A 153 -15.56 -24.29 -0.87
C LYS A 153 -16.75 -23.73 -1.62
N CYS A 154 -16.96 -22.42 -1.47
CA CYS A 154 -18.10 -21.77 -2.09
C CYS A 154 -17.95 -21.63 -3.62
N GLY A 155 -16.77 -21.94 -4.15
CA GLY A 155 -16.45 -21.65 -5.55
C GLY A 155 -15.71 -20.33 -5.71
N GLY A 156 -15.62 -19.58 -4.61
CA GLY A 156 -14.91 -18.32 -4.60
C GLY A 156 -13.40 -18.47 -4.69
N VAL A 157 -12.71 -17.34 -4.87
CA VAL A 157 -11.28 -17.31 -5.07
C VAL A 157 -10.67 -16.11 -4.36
N ALA A 158 -9.48 -16.29 -3.77
CA ALA A 158 -8.63 -15.17 -3.37
C ALA A 158 -7.39 -15.12 -4.24
N ILE A 159 -6.92 -13.91 -4.51
CA ILE A 159 -5.60 -13.72 -5.12
C ILE A 159 -4.80 -12.94 -4.12
N GLY A 160 -3.75 -13.57 -3.61
CA GLY A 160 -2.83 -12.89 -2.73
C GLY A 160 -1.56 -12.48 -3.44
N VAL A 161 -1.19 -11.23 -3.27
CA VAL A 161 -0.04 -10.63 -3.96
C VAL A 161 0.98 -10.12 -2.96
N GLY A 162 2.23 -10.55 -3.11
CA GLY A 162 3.34 -9.96 -2.38
C GLY A 162 4.32 -9.30 -3.34
N MET A 163 4.47 -7.98 -3.26
CA MET A 163 5.29 -7.22 -4.22
C MET A 163 6.41 -6.42 -3.55
N GLN A 164 7.66 -6.76 -3.87
CA GLN A 164 8.80 -6.13 -3.20
C GLN A 164 8.72 -4.62 -3.42
N HIS A 165 8.84 -3.86 -2.34
CA HIS A 165 8.51 -2.44 -2.33
CA HIS A 165 8.46 -2.43 -2.37
C HIS A 165 9.38 -1.59 -3.25
N HIS A 166 10.62 -2.02 -3.50
CA HIS A 166 11.54 -1.25 -4.36
C HIS A 166 11.01 -1.17 -5.80
N VAL A 167 10.28 -2.19 -6.22
CA VAL A 167 9.85 -2.27 -7.62
C VAL A 167 8.79 -1.24 -7.98
N ALA A 168 7.84 -1.02 -7.08
CA ALA A 168 6.68 -0.19 -7.39
C ALA A 168 5.97 0.30 -6.13
N ASP A 169 5.33 1.45 -6.23
CA ASP A 169 4.37 1.87 -5.23
C ASP A 169 2.97 1.36 -5.61
N GLY A 170 1.93 1.85 -4.97
CA GLY A 170 0.61 1.29 -5.22
C GLY A 170 0.12 1.56 -6.62
N PHE A 171 0.37 2.75 -7.13
CA PHE A 171 -0.12 3.11 -8.45
CA PHE A 171 -0.08 3.12 -8.46
C PHE A 171 0.55 2.21 -9.51
N SER A 172 1.86 2.02 -9.40
CA SER A 172 2.57 1.20 -10.38
C SER A 172 2.30 -0.30 -10.21
N GLY A 173 2.20 -0.71 -8.96
CA GLY A 173 1.92 -2.09 -8.64
C GLY A 173 0.57 -2.52 -9.15
N LEU A 174 -0.44 -1.68 -8.94
CA LEU A 174 -1.76 -1.95 -9.49
C LEU A 174 -1.79 -1.78 -11.00
N HIS A 175 -1.00 -0.87 -11.53
CA HIS A 175 -0.89 -0.78 -12.99
C HIS A 175 -0.46 -2.13 -13.54
N PHE A 176 0.50 -2.77 -12.89
CA PHE A 176 0.90 -4.12 -13.31
C PHE A 176 -0.22 -5.15 -13.14
N ILE A 177 -0.81 -5.24 -11.95
CA ILE A 177 -1.83 -6.25 -11.71
C ILE A 177 -3.00 -6.04 -12.65
N ASN A 178 -3.41 -4.80 -12.84
CA ASN A 178 -4.57 -4.55 -13.67
C ASN A 178 -4.30 -4.80 -15.15
N SER A 179 -3.06 -4.56 -15.58
CA SER A 179 -2.64 -4.92 -16.95
C SER A 179 -2.62 -6.43 -17.15
N TRP A 180 -2.10 -7.17 -16.17
CA TRP A 180 -2.17 -8.61 -16.19
C TRP A 180 -3.65 -9.06 -16.32
N ALA A 181 -4.51 -8.53 -15.45
CA ALA A 181 -5.96 -8.81 -15.51
C ALA A 181 -6.56 -8.57 -16.90
N ASP A 182 -6.22 -7.42 -17.50
CA ASP A 182 -6.67 -7.07 -18.84
C ASP A 182 -6.27 -8.13 -19.87
N LEU A 183 -5.00 -8.51 -19.86
CA LEU A 183 -4.53 -9.54 -20.78
C LEU A 183 -5.26 -10.85 -20.59
N CYS A 184 -5.43 -11.25 -19.33
CA CYS A 184 -6.13 -12.48 -19.02
C CYS A 184 -7.56 -12.40 -19.54
N ARG A 185 -8.16 -11.24 -19.37
CA ARG A 185 -9.53 -11.03 -19.84
C ARG A 185 -9.61 -10.99 -21.36
N GLY A 186 -8.49 -10.72 -22.03
CA GLY A 186 -8.49 -10.76 -23.48
C GLY A 186 -8.63 -9.39 -24.12
N VAL A 187 -8.36 -8.35 -23.35
CA VAL A 187 -8.36 -6.98 -23.86
C VAL A 187 -6.93 -6.42 -23.76
N PRO A 188 -6.52 -5.61 -24.75
CA PRO A 188 -5.21 -4.98 -24.66
C PRO A 188 -5.21 -4.01 -23.49
N PHE A 189 -4.08 -3.74 -22.84
CA PHE A 189 -4.16 -2.77 -21.75
C PHE A 189 -3.77 -1.40 -22.32
N ALA A 190 -4.19 -0.38 -21.60
CA ALA A 190 -4.32 0.94 -22.15
C ALA A 190 -3.00 1.67 -22.17
N VAL A 191 -2.17 1.43 -21.15
CA VAL A 191 -1.01 2.26 -20.91
C VAL A 191 0.27 1.42 -20.77
N MET A 192 1.21 1.56 -21.70
CA MET A 192 2.48 0.85 -21.57
C MET A 192 3.30 1.47 -20.45
N PRO A 193 3.99 0.65 -19.65
CA PRO A 193 4.84 1.25 -18.62
C PRO A 193 6.02 2.04 -19.20
N TYR A 194 6.46 3.04 -18.45
CA TYR A 194 7.69 3.80 -18.74
C TYR A 194 8.71 3.35 -17.69
N ILE A 195 9.84 2.79 -18.12
CA ILE A 195 10.68 1.99 -17.19
C ILE A 195 11.88 2.73 -16.56
N ASP A 196 12.39 3.73 -17.25
CA ASP A 196 13.56 4.53 -16.78
C ASP A 196 13.33 5.40 -15.53
N ARG A 197 14.05 5.15 -14.45
CA ARG A 197 13.77 5.86 -13.21
C ARG A 197 14.64 7.11 -13.05
N SER A 198 15.46 7.42 -14.06
CA SER A 198 16.39 8.53 -13.95
C SER A 198 15.62 9.88 -13.99
N LEU A 199 14.32 9.81 -14.30
CA LEU A 199 13.51 11.02 -14.26
C LEU A 199 13.38 11.55 -12.85
N LEU A 200 13.62 10.69 -11.86
CA LEU A 200 13.62 11.12 -10.47
C LEU A 200 15.01 11.30 -9.87
N ARG A 201 16.01 11.46 -10.75
CA ARG A 201 17.35 11.80 -10.29
C ARG A 201 17.34 13.19 -9.66
N ALA A 202 18.17 13.36 -8.64
CA ALA A 202 18.36 14.67 -8.03
C ALA A 202 18.96 15.69 -8.99
N ARG A 203 18.77 16.97 -8.68
CA ARG A 203 19.48 18.02 -9.41
C ARG A 203 20.97 17.93 -9.16
N ASP A 204 21.74 18.61 -9.99
CA ASP A 204 23.20 18.61 -9.87
C ASP A 204 23.71 20.05 -9.92
N PRO A 205 24.29 20.56 -8.81
CA PRO A 205 24.43 19.95 -7.49
C PRO A 205 23.07 19.82 -6.78
N PRO A 206 22.96 18.88 -5.84
CA PRO A 206 21.70 18.88 -5.09
C PRO A 206 21.52 20.19 -4.34
N THR A 207 20.29 20.71 -4.31
CA THR A 207 20.02 21.95 -3.60
CA THR A 207 20.01 21.95 -3.61
C THR A 207 18.72 21.80 -2.81
N PRO A 208 18.79 21.10 -1.67
CA PRO A 208 17.61 21.01 -0.81
C PRO A 208 17.31 22.37 -0.23
N VAL A 209 16.04 22.70 -0.04
CA VAL A 209 15.68 24.04 0.45
C VAL A 209 14.64 23.95 1.55
N TYR A 210 14.45 22.75 2.10
CA TYR A 210 13.66 22.52 3.31
C TYR A 210 14.41 21.57 4.24
N PRO A 211 14.01 21.54 5.52
CA PRO A 211 14.62 20.59 6.46
C PRO A 211 14.23 19.13 6.21
N HIS A 212 13.10 18.95 5.54
CA HIS A 212 12.50 17.63 5.31
C HIS A 212 12.32 16.84 6.61
N VAL A 213 11.40 17.38 7.40
CA VAL A 213 11.00 16.83 8.68
C VAL A 213 10.66 15.34 8.53
N GLU A 214 10.09 14.98 7.38
CA GLU A 214 9.64 13.61 7.17
C GLU A 214 10.78 12.57 7.24
N TYR A 215 12.03 12.98 7.02
CA TYR A 215 13.16 12.04 7.09
C TYR A 215 13.98 12.14 8.37
N GLN A 216 13.47 12.91 9.33
CA GLN A 216 14.12 12.96 10.65
C GLN A 216 13.48 11.92 11.56
N PRO A 217 14.23 11.47 12.58
CA PRO A 217 13.76 10.42 13.47
C PRO A 217 12.47 10.80 14.16
N ALA A 218 11.60 9.82 14.26
CA ALA A 218 10.28 10.03 14.85
C ALA A 218 10.41 10.26 16.36
N PRO A 219 9.49 11.04 16.93
CA PRO A 219 9.56 11.28 18.37
C PRO A 219 9.54 10.00 19.18
N ALA A 220 10.29 9.96 20.26
CA ALA A 220 10.21 8.86 21.20
C ALA A 220 9.30 9.24 22.35
N MET A 221 8.92 8.26 23.15
CA MET A 221 8.17 8.52 24.37
C MET A 221 9.01 9.34 25.33
N LEU A 222 8.38 10.33 25.96
CA LEU A 222 9.05 11.12 26.95
C LEU A 222 9.36 10.31 28.22
N SER A 223 8.45 9.38 28.56
CA SER A 223 8.50 8.56 29.79
C SER A 223 9.83 8.56 30.54
N THR A 236 7.43 -5.65 21.44
CA THR A 236 7.26 -6.66 22.48
C THR A 236 5.79 -6.85 22.83
N PRO A 237 5.04 -5.74 23.01
CA PRO A 237 3.62 -5.91 23.37
C PRO A 237 2.82 -6.61 22.27
N PRO A 238 1.89 -7.51 22.65
CA PRO A 238 1.01 -8.13 21.66
C PRO A 238 0.31 -7.08 20.81
N ALA A 239 0.27 -7.27 19.49
CA ALA A 239 -0.28 -6.27 18.55
C ALA A 239 -1.52 -6.80 17.84
N ALA A 240 -2.61 -6.07 17.96
CA ALA A 240 -3.88 -6.49 17.39
C ALA A 240 -4.11 -5.79 16.07
N VAL A 241 -4.96 -6.37 15.23
CA VAL A 241 -5.27 -5.81 13.92
C VAL A 241 -6.77 -5.86 13.75
N ALA A 242 -7.33 -4.79 13.22
CA ALA A 242 -8.76 -4.74 12.99
C ALA A 242 -9.09 -3.80 11.86
N ILE A 243 -10.34 -3.84 11.42
CA ILE A 243 -10.83 -2.99 10.37
C ILE A 243 -12.16 -2.37 10.83
N PHE A 244 -12.34 -1.09 10.50
CA PHE A 244 -13.50 -0.32 10.97
C PHE A 244 -14.10 0.43 9.80
N ARG A 245 -15.37 0.21 9.54
CA ARG A 245 -16.06 0.97 8.50
C ARG A 245 -16.74 2.20 9.07
N LEU A 246 -16.60 3.30 8.37
CA LEU A 246 -17.38 4.50 8.62
C LEU A 246 -18.25 4.75 7.41
N SER A 247 -19.56 4.80 7.61
CA SER A 247 -20.48 5.04 6.50
C SER A 247 -20.33 6.45 5.93
N ARG A 248 -20.91 6.70 4.76
CA ARG A 248 -20.87 8.05 4.19
C ARG A 248 -21.51 9.02 5.18
N ALA A 249 -22.56 8.57 5.85
CA ALA A 249 -23.26 9.38 6.84
C ALA A 249 -22.37 9.71 8.02
N ASP A 250 -21.66 8.70 8.56
CA ASP A 250 -20.66 8.92 9.61
C ASP A 250 -19.59 9.95 9.19
N LEU A 251 -19.09 9.82 7.97
CA LEU A 251 -18.05 10.72 7.50
C LEU A 251 -18.54 12.17 7.39
N GLY A 252 -19.77 12.32 6.93
CA GLY A 252 -20.36 13.63 6.81
C GLY A 252 -20.56 14.24 8.18
N ARG A 253 -20.96 13.43 9.16
CA ARG A 253 -21.20 13.99 10.48
C ARG A 253 -19.90 14.39 11.12
N LEU A 254 -18.83 13.63 10.86
CA LEU A 254 -17.50 14.00 11.34
C LEU A 254 -17.05 15.32 10.75
N ARG A 255 -17.22 15.42 9.45
CA ARG A 255 -16.87 16.65 8.77
C ARG A 255 -17.67 17.84 9.30
N SER A 256 -18.96 17.63 9.52
CA SER A 256 -19.83 18.71 9.99
C SER A 256 -19.45 19.20 11.37
N GLN A 257 -18.58 18.47 12.05
CA GLN A 257 -18.10 18.88 13.37
C GLN A 257 -16.99 19.91 13.22
N ILE A 258 -16.55 20.15 12.00
CA ILE A 258 -15.50 21.14 11.80
C ILE A 258 -16.13 22.42 11.30
N PRO A 259 -15.88 23.54 12.00
CA PRO A 259 -16.56 24.79 11.60
C PRO A 259 -16.21 25.19 10.19
N ALA A 260 -17.22 25.56 9.42
CA ALA A 260 -17.04 26.10 8.08
C ALA A 260 -17.07 27.62 8.15
N ARG A 261 -15.94 28.24 7.89
CA ARG A 261 -15.80 29.68 7.99
C ARG A 261 -15.43 30.28 6.64
N GLU A 262 -16.01 31.45 6.33
CA GLU A 262 -15.92 32.05 5.01
C GLU A 262 -14.47 32.16 4.52
N GLY A 263 -13.59 32.66 5.35
CA GLY A 263 -12.18 32.68 4.95
C GLY A 263 -11.61 31.31 4.60
N VAL A 264 -11.91 30.31 5.43
CA VAL A 264 -11.10 29.07 5.52
C VAL A 264 -11.42 27.99 4.47
N PRO A 265 -10.43 27.59 3.64
CA PRO A 265 -10.67 26.58 2.59
C PRO A 265 -11.03 25.19 3.13
N ARG A 266 -11.78 24.42 2.34
CA ARG A 266 -12.30 23.13 2.80
C ARG A 266 -11.20 22.09 2.97
N LEU A 267 -11.19 21.46 4.13
CA LEU A 267 -10.25 20.37 4.41
C LEU A 267 -10.58 19.16 3.59
N SER A 268 -9.56 18.41 3.21
CA SER A 268 -9.81 17.17 2.51
C SER A 268 -10.45 16.14 3.45
N THR A 269 -11.16 15.18 2.86
CA THR A 269 -11.74 14.09 3.62
C THR A 269 -10.64 13.24 4.27
N TYR A 270 -9.55 13.02 3.57
CA TYR A 270 -8.42 12.35 4.16
C TYR A 270 -7.97 13.07 5.44
N ALA A 271 -7.83 14.39 5.40
CA ALA A 271 -7.35 15.11 6.58
C ALA A 271 -8.32 15.01 7.75
N VAL A 272 -9.62 15.05 7.47
CA VAL A 272 -10.62 14.91 8.51
C VAL A 272 -10.57 13.50 9.13
N LEU A 273 -10.59 12.47 8.28
CA LEU A 273 -10.56 11.10 8.77
C LEU A 273 -9.25 10.81 9.48
N ALA A 274 -8.15 11.26 8.90
CA ALA A 274 -6.85 11.04 9.50
C ALA A 274 -6.81 11.68 10.88
N ALA A 275 -7.33 12.89 11.03
CA ALA A 275 -7.34 13.56 12.33
C ALA A 275 -8.15 12.77 13.33
N HIS A 276 -9.28 12.23 12.91
CA HIS A 276 -10.09 11.38 13.75
C HIS A 276 -9.33 10.10 14.21
N VAL A 277 -8.69 9.41 13.28
CA VAL A 277 -7.88 8.24 13.63
C VAL A 277 -6.74 8.60 14.59
N TRP A 278 -6.04 9.70 14.30
CA TRP A 278 -4.89 10.13 15.09
C TRP A 278 -5.34 10.46 16.51
N ARG A 279 -6.47 11.15 16.60
CA ARG A 279 -7.06 11.51 17.89
C ARG A 279 -7.47 10.25 18.67
N CYS A 280 -8.16 9.32 18.02
CA CYS A 280 -8.63 8.12 18.68
C CYS A 280 -7.47 7.25 19.09
N ALA A 281 -6.45 7.17 18.25
CA ALA A 281 -5.29 6.33 18.62
C ALA A 281 -4.54 6.98 19.77
N SER A 282 -4.37 8.30 19.73
CA SER A 282 -3.65 8.98 20.80
C SER A 282 -4.34 8.84 22.15
N LEU A 283 -5.64 9.01 22.16
CA LEU A 283 -6.45 8.80 23.39
C LEU A 283 -6.37 7.34 23.87
N ALA A 284 -6.52 6.40 22.95
CA ALA A 284 -6.49 4.99 23.32
C ALA A 284 -5.15 4.63 23.95
N ARG A 285 -4.09 5.25 23.42
CA ARG A 285 -2.74 5.01 23.93
C ARG A 285 -2.46 5.78 25.22
N GLY A 286 -3.37 6.66 25.61
CA GLY A 286 -3.18 7.44 26.82
C GLY A 286 -2.01 8.42 26.77
N LEU A 287 -1.75 8.99 25.60
CA LEU A 287 -0.65 9.94 25.50
C LEU A 287 -0.89 11.19 26.34
N PRO A 288 0.10 11.59 27.13
CA PRO A 288 -0.03 12.89 27.82
C PRO A 288 -0.01 14.04 26.84
N ALA A 289 -0.60 15.17 27.24
CA ALA A 289 -0.77 16.28 26.32
C ALA A 289 0.54 16.76 25.76
N ASP A 290 1.63 16.65 26.50
CA ASP A 290 2.89 17.22 26.01
C ASP A 290 3.73 16.21 25.22
N GLN A 291 3.17 15.04 24.93
CA GLN A 291 3.90 14.02 24.19
C GLN A 291 3.87 14.34 22.71
N PRO A 292 5.04 14.56 22.08
CA PRO A 292 4.99 14.74 20.62
C PRO A 292 4.56 13.47 19.90
N THR A 293 3.84 13.65 18.80
CA THR A 293 3.40 12.51 18.01
C THR A 293 3.44 12.93 16.55
N LYS A 294 3.88 11.98 15.72
CA LYS A 294 4.11 12.21 14.29
C LYS A 294 3.31 11.23 13.44
N LEU A 295 2.58 11.73 12.47
CA LEU A 295 1.77 10.93 11.59
C LEU A 295 2.41 10.90 10.20
N TYR A 296 2.63 9.71 9.70
CA TYR A 296 3.30 9.50 8.40
C TYR A 296 2.26 9.25 7.33
N CYS A 297 2.20 10.15 6.35
CA CYS A 297 1.21 10.06 5.28
CA CYS A 297 1.21 10.05 5.27
C CYS A 297 1.87 9.94 3.90
N ALA A 298 1.85 8.75 3.33
CA ALA A 298 2.37 8.52 1.97
C ALA A 298 1.59 9.39 0.98
N THR A 299 2.31 10.11 0.14
CA THR A 299 1.70 11.06 -0.79
CA THR A 299 1.72 11.07 -0.79
C THR A 299 2.20 10.74 -2.19
N ASP A 300 1.28 10.71 -3.15
CA ASP A 300 1.64 10.37 -4.52
C ASP A 300 2.22 11.60 -5.23
N GLY A 301 3.51 11.53 -5.54
CA GLY A 301 4.19 12.64 -6.19
C GLY A 301 3.82 12.82 -7.65
N ARG A 302 3.13 11.85 -8.23
CA ARG A 302 2.74 12.00 -9.64
C ARG A 302 1.80 13.18 -9.76
N GLN A 303 0.98 13.41 -8.72
CA GLN A 303 -0.01 14.48 -8.76
C GLN A 303 0.65 15.81 -8.40
N ARG A 304 1.95 15.82 -8.08
CA ARG A 304 2.59 17.05 -7.58
C ARG A 304 3.81 17.50 -8.41
N LEU A 305 4.57 16.56 -8.97
CA LEU A 305 5.71 16.96 -9.81
C LEU A 305 5.27 17.67 -11.07
N GLN A 306 6.02 18.71 -11.42
CA GLN A 306 5.75 19.48 -12.61
C GLN A 306 7.03 19.67 -13.40
N PRO A 307 7.00 19.35 -14.71
CA PRO A 307 5.90 18.73 -15.44
C PRO A 307 5.67 17.29 -14.96
N PRO A 308 4.47 16.76 -15.21
CA PRO A 308 4.22 15.41 -14.68
C PRO A 308 5.07 14.34 -15.37
N LEU A 309 5.30 13.26 -14.65
CA LEU A 309 5.97 12.09 -15.18
C LEU A 309 5.18 11.49 -16.32
N PRO A 310 5.85 10.73 -17.18
CA PRO A 310 5.11 9.95 -18.17
C PRO A 310 4.01 9.12 -17.53
N GLU A 311 2.89 9.02 -18.22
CA GLU A 311 1.73 8.34 -17.67
C GLU A 311 2.06 6.95 -17.08
N GLY A 312 2.81 6.13 -17.80
CA GLY A 312 3.03 4.79 -17.29
C GLY A 312 4.26 4.61 -16.41
N TYR A 313 4.78 5.71 -15.88
CA TYR A 313 6.01 5.67 -15.08
C TYR A 313 5.95 4.57 -14.04
N PHE A 314 6.93 3.67 -14.11
CA PHE A 314 6.92 2.45 -13.34
C PHE A 314 7.97 2.50 -12.23
N GLY A 315 7.50 2.72 -11.00
CA GLY A 315 8.42 2.77 -9.86
C GLY A 315 7.68 3.30 -8.64
N ASN A 316 8.42 3.76 -7.63
CA ASN A 316 7.83 4.44 -6.48
C ASN A 316 7.90 5.95 -6.71
N VAL A 317 6.80 6.66 -6.50
CA VAL A 317 6.86 8.12 -6.53
C VAL A 317 6.23 8.64 -5.22
N ILE A 318 6.57 7.97 -4.15
CA ILE A 318 6.02 8.28 -2.83
C ILE A 318 6.89 9.29 -2.12
N PHE A 319 6.29 10.42 -1.84
CA PHE A 319 6.89 11.40 -0.94
C PHE A 319 6.10 11.30 0.36
N THR A 320 6.61 11.90 1.41
CA THR A 320 6.01 11.66 2.72
C THR A 320 5.68 12.96 3.46
N ALA A 321 4.40 13.14 3.76
CA ALA A 321 3.95 14.25 4.60
C ALA A 321 3.88 13.78 6.05
N THR A 322 4.49 14.53 6.97
CA THR A 322 4.53 14.13 8.37
C THR A 322 4.09 15.27 9.30
N PRO A 323 2.77 15.46 9.40
CA PRO A 323 2.26 16.29 10.49
C PRO A 323 2.81 15.80 11.82
N LEU A 324 3.11 16.77 12.68
CA LEU A 324 3.75 16.51 13.95
C LEU A 324 3.25 17.55 14.95
N ALA A 325 2.73 17.08 16.07
CA ALA A 325 2.13 17.97 17.05
C ALA A 325 2.19 17.32 18.40
N ASP A 326 2.02 18.10 19.47
CA ASP A 326 1.81 17.51 20.79
C ASP A 326 0.48 16.80 20.82
N ALA A 327 0.42 15.69 21.56
CA ALA A 327 -0.80 14.92 21.59
C ALA A 327 -1.99 15.77 22.09
N GLY A 328 -1.72 16.77 22.92
CA GLY A 328 -2.79 17.64 23.43
C GLY A 328 -3.49 18.39 22.32
N THR A 329 -2.74 18.72 21.27
CA THR A 329 -3.33 19.39 20.13
C THR A 329 -4.21 18.44 19.34
N VAL A 330 -3.67 17.25 19.08
CA VAL A 330 -4.38 16.23 18.30
C VAL A 330 -5.65 15.76 19.02
N THR A 331 -5.58 15.64 20.34
CA THR A 331 -6.75 15.10 21.08
C THR A 331 -7.76 16.18 21.46
N ALA A 332 -7.40 17.44 21.30
CA ALA A 332 -8.30 18.53 21.65
C ALA A 332 -9.49 18.49 20.73
N GLY A 333 -9.31 17.98 19.52
CA GLY A 333 -10.45 17.80 18.65
C GLY A 333 -10.06 17.54 17.21
N VAL A 334 -10.99 17.01 16.45
CA VAL A 334 -10.71 16.68 15.04
C VAL A 334 -10.35 17.93 14.25
N ALA A 335 -11.05 19.05 14.51
CA ALA A 335 -10.79 20.27 13.74
C ALA A 335 -9.32 20.70 13.86
N GLU A 336 -8.78 20.63 15.07
CA GLU A 336 -7.42 21.08 15.30
C GLU A 336 -6.43 20.14 14.60
N GLY A 337 -6.67 18.84 14.75
CA GLY A 337 -5.82 17.87 14.07
C GLY A 337 -5.89 17.96 12.56
N ALA A 338 -7.09 18.15 12.03
CA ALA A 338 -7.26 18.16 10.59
C ALA A 338 -6.51 19.34 9.98
N ALA A 339 -6.53 20.48 10.68
CA ALA A 339 -5.83 21.67 10.21
C ALA A 339 -4.33 21.39 10.10
N VAL A 340 -3.77 20.70 11.09
CA VAL A 340 -2.35 20.38 11.07
C VAL A 340 -1.99 19.39 9.94
N ILE A 341 -2.84 18.37 9.74
CA ILE A 341 -2.62 17.41 8.67
C ILE A 341 -2.72 18.08 7.28
N GLN A 342 -3.73 18.91 7.09
CA GLN A 342 -3.92 19.52 5.79
C GLN A 342 -2.75 20.46 5.49
N ALA A 343 -2.22 21.14 6.50
CA ALA A 343 -1.08 22.03 6.27
C ALA A 343 0.12 21.21 5.83
N ALA A 344 0.31 20.05 6.44
CA ALA A 344 1.43 19.19 6.07
C ALA A 344 1.26 18.68 4.66
N LEU A 345 0.04 18.30 4.29
CA LEU A 345 -0.24 17.86 2.93
C LEU A 345 -0.01 18.96 1.88
N ASP A 346 -0.48 20.15 2.21
CA ASP A 346 -0.38 21.31 1.32
C ASP A 346 1.05 21.75 1.06
N ARG A 347 1.97 21.41 1.97
CA ARG A 347 3.41 21.63 1.72
C ARG A 347 3.99 20.83 0.56
N MET A 348 3.40 19.69 0.27
CA MET A 348 4.02 18.75 -0.67
C MET A 348 3.83 19.16 -2.13
N ASP A 349 4.27 20.35 -2.50
CA ASP A 349 4.20 20.74 -3.92
C ASP A 349 5.46 20.35 -4.69
N GLU A 350 5.53 20.77 -5.96
CA GLU A 350 6.67 20.42 -6.83
C GLU A 350 7.98 20.83 -6.18
N GLY A 351 8.03 22.06 -5.65
CA GLY A 351 9.26 22.60 -5.09
C GLY A 351 9.71 21.75 -3.91
N TYR A 352 8.75 21.38 -3.07
CA TYR A 352 9.05 20.50 -1.93
C TYR A 352 9.46 19.08 -2.32
N CYS A 353 8.74 18.47 -3.27
CA CYS A 353 9.09 17.12 -3.68
C CYS A 353 10.44 17.11 -4.38
N ARG A 354 10.68 18.13 -5.20
CA ARG A 354 11.97 18.27 -5.87
C ARG A 354 13.14 18.39 -4.86
N SER A 355 12.93 19.20 -3.85
CA SER A 355 13.90 19.37 -2.77
C SER A 355 14.17 18.03 -2.06
N ALA A 356 13.12 17.25 -1.85
CA ALA A 356 13.25 15.95 -1.20
C ALA A 356 14.18 15.02 -1.96
N LEU A 357 14.08 15.02 -3.29
CA LEU A 357 14.97 14.18 -4.10
C LEU A 357 16.41 14.56 -3.86
N ASP A 358 16.66 15.88 -3.77
CA ASP A 358 18.00 16.37 -3.52
C ASP A 358 18.50 16.01 -2.12
N TYR A 359 17.60 16.14 -1.16
CA TYR A 359 17.92 15.83 0.21
C TYR A 359 18.33 14.35 0.34
N LEU A 360 17.57 13.46 -0.29
CA LEU A 360 17.88 12.04 -0.24
C LEU A 360 19.21 11.75 -0.93
N GLU A 361 19.48 12.46 -2.01
CA GLU A 361 20.74 12.25 -2.71
C GLU A 361 21.94 12.55 -1.81
N LEU A 362 21.77 13.44 -0.84
CA LEU A 362 22.91 13.88 -0.01
C LEU A 362 23.13 12.98 1.17
N GLN A 363 22.23 12.03 1.40
CA GLN A 363 22.37 11.16 2.55
C GLN A 363 23.49 10.15 2.32
N PRO A 364 24.40 10.03 3.30
CA PRO A 364 25.43 8.99 3.18
C PRO A 364 24.86 7.59 3.07
N ASP A 365 23.76 7.28 3.76
CA ASP A 365 23.20 5.93 3.71
C ASP A 365 21.66 5.92 3.81
N LEU A 366 21.00 5.60 2.70
CA LEU A 366 19.53 5.60 2.69
C LEU A 366 18.89 4.45 3.47
N SER A 367 19.63 3.39 3.73
CA SER A 367 19.10 2.28 4.53
C SER A 367 18.67 2.82 5.90
N ALA A 368 19.40 3.82 6.41
CA ALA A 368 19.05 4.46 7.69
C ALA A 368 17.69 5.18 7.69
N LEU A 369 17.18 5.55 6.52
CA LEU A 369 15.92 6.28 6.45
C LEU A 369 14.74 5.37 6.11
N VAL A 370 15.03 4.11 5.89
CA VAL A 370 13.97 3.19 5.49
C VAL A 370 12.89 3.19 6.56
N ARG A 371 11.65 3.33 6.14
CA ARG A 371 10.58 3.32 7.12
C ARG A 371 10.25 1.90 7.56
N GLY A 372 10.07 1.72 8.86
CA GLY A 372 9.89 0.41 9.43
C GLY A 372 9.22 0.47 10.79
N ALA A 373 9.39 -0.57 11.60
CA ALA A 373 8.64 -0.66 12.85
C ALA A 373 8.88 0.56 13.75
N HIS A 374 10.12 1.00 13.79
CA HIS A 374 10.51 2.12 14.64
C HIS A 374 9.89 3.42 14.16
N THR A 375 9.46 3.46 12.89
CA THR A 375 8.86 4.64 12.32
C THR A 375 7.44 4.82 12.84
N PHE A 376 6.67 3.74 12.78
CA PHE A 376 5.21 3.85 12.95
C PHE A 376 4.74 3.56 14.37
N ARG A 377 5.59 2.96 15.19
CA ARG A 377 5.12 2.54 16.50
C ARG A 377 4.76 3.69 17.42
N CYS A 378 3.89 3.36 18.37
CA CYS A 378 3.47 4.27 19.44
C CYS A 378 4.70 5.05 19.94
N PRO A 379 4.60 6.40 20.03
CA PRO A 379 3.45 7.32 19.93
C PRO A 379 3.10 7.82 18.55
N ASN A 380 3.78 7.32 17.53
CA ASN A 380 3.57 7.79 16.18
C ASN A 380 2.59 6.88 15.41
N LEU A 381 2.36 7.17 14.13
CA LEU A 381 1.32 6.50 13.38
C LEU A 381 1.64 6.63 11.91
N GLY A 382 1.27 5.65 11.09
CA GLY A 382 1.27 5.81 9.66
C GLY A 382 -0.13 5.60 9.14
N LEU A 383 -0.58 6.45 8.23
CA LEU A 383 -1.92 6.29 7.64
C LEU A 383 -1.84 6.47 6.15
N THR A 384 -1.83 5.35 5.44
CA THR A 384 -1.71 5.28 3.99
C THR A 384 -3.07 5.16 3.33
N SER A 385 -3.43 6.08 2.44
CA SER A 385 -4.69 5.96 1.72
C SER A 385 -4.61 5.19 0.41
N TRP A 386 -5.49 4.21 0.24
CA TRP A 386 -5.68 3.56 -1.05
C TRP A 386 -6.97 4.05 -1.72
N VAL A 387 -7.57 5.12 -1.20
CA VAL A 387 -8.86 5.56 -1.70
C VAL A 387 -8.88 5.87 -3.23
N ARG A 388 -7.79 6.44 -3.74
CA ARG A 388 -7.76 6.81 -5.17
C ARG A 388 -7.01 5.79 -6.02
N LEU A 389 -6.60 4.70 -5.42
CA LEU A 389 -5.97 3.61 -6.16
C LEU A 389 -7.02 2.70 -6.81
N PRO A 390 -6.74 2.19 -8.01
CA PRO A 390 -7.70 1.31 -8.69
C PRO A 390 -7.69 -0.14 -8.13
N ILE A 391 -8.01 -0.30 -6.86
CA ILE A 391 -7.86 -1.59 -6.22
C ILE A 391 -8.95 -2.59 -6.61
N HIS A 392 -10.02 -2.13 -7.29
CA HIS A 392 -11.15 -2.99 -7.61
C HIS A 392 -11.26 -3.27 -9.12
N ASP A 393 -10.26 -2.83 -9.89
CA ASP A 393 -10.33 -2.93 -11.33
C ASP A 393 -9.76 -4.22 -11.91
N ALA A 394 -9.23 -5.08 -11.05
CA ALA A 394 -8.63 -6.33 -11.53
C ALA A 394 -9.69 -7.38 -11.91
N ASP A 395 -10.23 -7.27 -13.13
CA ASP A 395 -11.14 -8.26 -13.70
C ASP A 395 -10.38 -9.12 -14.69
N PHE A 396 -10.16 -10.37 -14.30
CA PHE A 396 -9.37 -11.31 -15.10
C PHE A 396 -10.23 -12.02 -16.12
N GLY A 397 -11.53 -11.73 -16.11
CA GLY A 397 -12.48 -12.33 -17.04
C GLY A 397 -13.59 -13.07 -16.33
N TRP A 398 -13.64 -12.96 -15.01
CA TRP A 398 -14.64 -13.69 -14.25
C TRP A 398 -15.25 -12.76 -13.20
N GLY A 399 -15.22 -11.47 -13.48
CA GLY A 399 -15.79 -10.47 -12.57
C GLY A 399 -14.81 -9.63 -11.77
N ARG A 400 -15.32 -8.54 -11.21
CA ARG A 400 -14.53 -7.67 -10.38
C ARG A 400 -14.49 -8.21 -8.95
N PRO A 401 -13.44 -7.86 -8.20
CA PRO A 401 -13.36 -8.38 -6.83
C PRO A 401 -14.43 -7.78 -5.88
N VAL A 402 -14.88 -8.54 -4.88
CA VAL A 402 -15.84 -7.99 -3.91
C VAL A 402 -15.11 -7.32 -2.76
N PHE A 403 -13.81 -7.59 -2.65
CA PHE A 403 -12.97 -6.91 -1.69
C PHE A 403 -11.51 -6.91 -2.17
N MET A 404 -10.79 -5.85 -1.82
CA MET A 404 -9.34 -5.81 -1.96
C MET A 404 -8.77 -4.98 -0.83
N GLY A 405 -7.75 -5.51 -0.17
CA GLY A 405 -7.10 -4.75 0.88
C GLY A 405 -5.76 -5.32 1.23
N PRO A 406 -5.10 -4.73 2.24
CA PRO A 406 -3.78 -5.21 2.63
C PRO A 406 -3.89 -6.64 3.15
N GLY A 407 -2.88 -7.46 2.83
CA GLY A 407 -2.88 -8.86 3.22
C GLY A 407 -2.32 -9.04 4.63
N GLY A 408 -1.83 -7.96 5.20
CA GLY A 408 -1.38 -7.97 6.57
C GLY A 408 -0.92 -6.58 6.92
N ILE A 409 -0.63 -6.33 8.19
CA ILE A 409 0.00 -5.07 8.59
C ILE A 409 1.21 -5.44 9.44
N ALA A 410 2.41 -5.15 8.93
CA ALA A 410 3.64 -5.65 9.56
C ALA A 410 3.96 -4.91 10.87
N TYR A 411 3.50 -3.68 10.97
CA TYR A 411 4.00 -2.80 12.00
C TYR A 411 2.88 -2.23 12.86
N GLU A 412 2.99 -2.37 14.19
CA GLU A 412 2.18 -1.59 15.10
C GLU A 412 2.24 -0.11 14.76
N GLY A 413 1.07 0.52 14.69
CA GLY A 413 0.94 1.94 14.43
C GLY A 413 0.66 2.25 12.99
N LEU A 414 0.68 1.22 12.15
CA LEU A 414 0.42 1.41 10.71
C LEU A 414 -1.06 1.15 10.36
N ALA A 415 -1.62 1.99 9.49
CA ALA A 415 -3.01 1.89 9.09
C ALA A 415 -3.23 2.30 7.63
N PHE A 416 -4.37 1.86 7.11
CA PHE A 416 -4.76 2.02 5.71
C PHE A 416 -6.16 2.55 5.65
N VAL A 417 -6.40 3.51 4.76
CA VAL A 417 -7.76 3.90 4.40
C VAL A 417 -8.16 3.21 3.11
N LEU A 418 -9.25 2.44 3.15
CA LEU A 418 -9.77 1.75 1.96
C LEU A 418 -11.09 2.31 1.46
N PRO A 419 -11.22 2.46 0.13
CA PRO A 419 -12.53 2.77 -0.45
C PRO A 419 -13.42 1.54 -0.41
N SER A 420 -14.73 1.77 -0.39
CA SER A 420 -15.68 0.67 -0.45
C SER A 420 -15.63 -0.06 -1.77
N ALA A 421 -15.89 -1.37 -1.76
CA ALA A 421 -15.94 -2.14 -2.99
C ALA A 421 -17.26 -1.95 -3.71
N ASN A 422 -18.20 -1.28 -3.06
CA ASN A 422 -19.48 -0.98 -3.69
C ASN A 422 -19.62 0.54 -3.81
N ARG A 423 -20.84 1.01 -4.05
CA ARG A 423 -20.99 2.43 -4.41
C ARG A 423 -21.41 3.29 -3.22
N ASP A 424 -21.36 2.74 -2.00
CA ASP A 424 -22.05 3.38 -0.89
C ASP A 424 -21.30 4.57 -0.26
N GLY A 425 -20.12 4.88 -0.75
CA GLY A 425 -19.37 6.03 -0.25
C GLY A 425 -18.77 5.89 1.15
N SER A 426 -18.79 4.68 1.69
CA SER A 426 -18.15 4.44 2.98
C SER A 426 -16.64 4.35 2.80
N LEU A 427 -15.93 4.51 3.92
CA LEU A 427 -14.49 4.28 3.98
C LEU A 427 -14.21 3.38 5.14
N SER A 428 -13.17 2.56 4.99
CA SER A 428 -12.73 1.65 6.03
C SER A 428 -11.31 1.98 6.44
N VAL A 429 -11.06 1.85 7.73
CA VAL A 429 -9.73 2.01 8.30
C VAL A 429 -9.24 0.67 8.83
N ALA A 430 -8.19 0.13 8.23
CA ALA A 430 -7.56 -1.08 8.73
C ALA A 430 -6.32 -0.66 9.53
N ILE A 431 -6.16 -1.17 10.74
CA ILE A 431 -5.11 -0.61 11.60
C ILE A 431 -4.56 -1.66 12.56
N SER A 432 -3.26 -1.52 12.85
CA SER A 432 -2.61 -2.28 13.86
C SER A 432 -2.24 -1.40 15.08
N LEU A 433 -2.64 -1.84 16.27
CA LEU A 433 -2.29 -1.18 17.52
C LEU A 433 -1.95 -2.25 18.55
N GLN A 434 -1.35 -1.83 19.66
CA GLN A 434 -1.15 -2.73 20.80
C GLN A 434 -2.50 -3.23 21.26
N ALA A 435 -2.58 -4.48 21.69
CA ALA A 435 -3.87 -5.08 22.01
C ALA A 435 -4.70 -4.28 23.02
N GLU A 436 -4.06 -3.78 24.08
CA GLU A 436 -4.76 -3.01 25.11
C GLU A 436 -5.31 -1.70 24.56
N HIS A 437 -4.57 -1.10 23.64
CA HIS A 437 -4.99 0.15 23.05
C HIS A 437 -6.10 -0.10 22.05
N MET A 438 -6.05 -1.21 21.32
CA MET A 438 -7.08 -1.48 20.33
C MET A 438 -8.46 -1.59 20.99
N GLU A 439 -8.52 -2.14 22.18
CA GLU A 439 -9.79 -2.33 22.86
C GLU A 439 -10.51 -1.01 23.12
N LYS A 440 -9.74 0.04 23.39
CA LYS A 440 -10.28 1.41 23.50
C LYS A 440 -10.54 2.05 22.14
N PHE A 441 -9.62 1.85 21.19
CA PHE A 441 -9.74 2.45 19.88
C PHE A 441 -11.04 2.03 19.23
N ARG A 442 -11.39 0.76 19.43
CA ARG A 442 -12.59 0.16 18.83
C ARG A 442 -13.84 0.94 19.18
N LYS A 443 -13.83 1.45 20.41
CA LYS A 443 -14.97 2.20 20.92
C LYS A 443 -14.86 3.64 20.49
N PHE A 444 -13.67 4.18 20.60
CA PHE A 444 -13.46 5.60 20.40
C PHE A 444 -13.76 6.02 18.96
N ILE A 445 -13.47 5.15 17.98
CA ILE A 445 -13.59 5.53 16.58
CA ILE A 445 -13.60 5.54 16.57
C ILE A 445 -15.06 5.83 16.21
N TYR A 446 -15.99 5.30 16.99
CA TYR A 446 -17.43 5.64 16.84
C TYR A 446 -18.01 6.61 17.90
N ASP A 447 -17.18 7.07 18.82
CA ASP A 447 -17.60 7.86 19.98
C ASP A 447 -17.49 9.36 19.68
N PHE A 448 -18.37 9.84 18.80
CA PHE A 448 -18.36 11.25 18.38
C PHE A 448 -19.79 11.72 18.05
N1A COA B . -11.87 14.11 -9.73
C2A COA B . -11.56 14.91 -8.71
N3A COA B . -11.88 14.57 -7.44
C4A COA B . -12.52 13.40 -7.20
C5A COA B . -12.83 12.60 -8.20
C6A COA B . -12.50 12.96 -9.50
N6A COA B . -12.57 12.55 -10.86
N7A COA B . -13.45 11.52 -7.70
C8A COA B . -13.52 11.66 -6.39
N9A COA B . -12.94 12.82 -6.07
C1B COA B . -12.74 13.47 -4.80
C2B COA B . -12.94 12.70 -3.76
O2B COA B . -14.32 12.61 -3.40
C3B COA B . -12.09 13.48 -2.60
O3B COA B . -12.70 14.76 -2.32
P3B COA B . -12.75 15.25 -0.74
O7A COA B . -13.66 14.27 -0.04
O8A COA B . -13.27 16.69 -0.63
O9A COA B . -11.38 15.19 -0.12
C4B COA B . -10.89 13.76 -3.16
O4B COA B . -11.21 13.90 -4.66
C5B COA B . -9.86 12.63 -2.92
O5B COA B . -8.62 13.13 -3.34
P1A COA B . -7.26 12.73 -2.47
O1A COA B . -6.12 12.71 -3.41
O2A COA B . -7.01 13.75 -1.37
O3A COA B . -7.56 11.21 -1.84
P2A COA B . -6.60 10.31 -0.82
O4A COA B . -7.51 9.57 0.12
O5A COA B . -5.83 9.33 -1.63
O6A COA B . -5.60 11.27 0.04
CBP COA B . -3.40 12.24 -0.17
CCP COA B . -4.21 10.99 0.22
CDP COA B . -4.12 13.49 0.42
CEP COA B . -2.00 12.10 0.46
CAP COA B . -3.27 12.42 -1.74
OAP COA B . -2.55 13.55 -2.03
C9P COA B . -2.60 11.18 -2.35
O9P COA B . -1.43 11.12 -2.39
N8P COA B . -3.41 10.05 -2.89
C7P COA B . -2.73 8.86 -3.43
C6P COA B . -2.33 8.09 -2.15
C5P COA B . -1.27 6.98 -2.39
O5P COA B . -0.84 6.74 -3.44
N4P COA B . -0.88 6.27 -1.17
C3P COA B . 0.18 5.17 -1.14
C2P COA B . 0.06 4.12 -2.21
S1P COA B . 1.77 3.40 -2.25
H2A COA B . -11.12 15.68 -9.02
H61A COA B . -11.99 12.85 -11.42
H62A COA B . -13.18 12.00 -11.10
H8A COA B . -13.91 11.05 -5.79
H1B COA B . -13.31 14.25 -4.74
H2B COA B . -12.56 11.81 -3.91
HO2A COA B . -14.40 12.33 -2.60
H3B COA B . -12.00 12.94 -1.80
H4B COA B . -10.56 14.60 -2.82
H51A COA B . -9.82 12.40 -1.99
H52A COA B . -10.09 11.85 -3.46
H121 COA B . -3.95 10.24 -0.34
H122 COA B . -4.04 10.76 1.15
H131 COA B . -4.88 13.72 -0.15
H132 COA B . -4.43 13.30 1.31
H133 COA B . -3.50 14.23 0.44
H141 COA B . -1.46 12.86 0.20
H142 COA B . -1.59 11.28 0.14
H143 COA B . -2.08 12.07 1.43
H10 COA B . -4.16 12.51 -2.13
HO1 COA B . -3.06 14.22 -2.05
HN8 COA B . -4.27 10.08 -2.85
H71 COA B . -3.34 8.34 -3.98
H72 COA B . -1.94 9.12 -3.94
H61 COA B . -3.13 7.67 -1.79
H62 COA B . -1.99 8.71 -1.50
HN4 COA B . -1.23 6.52 -0.43
H31 COA B . 1.05 5.59 -1.21
H32 COA B . 0.12 4.73 -0.28
H21 COA B . -0.59 3.45 -1.97
H22 COA B . -0.16 4.53 -3.07
HS1 COA B . 1.71 2.23 -2.49
C01 SKT C . 4.45 3.00 3.11
C02 SKT C . 3.98 2.34 4.16
C03 SKT C . 2.97 1.29 4.04
C04 SKT C . 3.04 0.65 2.65
C05 SKT C . 2.83 1.79 1.66
C06 SKT C . 4.00 2.77 1.72
C07 SKT C . 5.50 4.09 3.23
O08 SKT C . 5.92 4.31 4.41
O09 SKT C . 5.87 4.65 2.17
O10 SKT C . 1.72 1.88 4.27
O11 SKT C . 2.13 -0.42 2.52
O12 SKT C . 2.82 1.27 0.31
C13 SKT C . 1.62 0.93 -0.24
C14 SKT C . 1.71 -0.07 -1.32
C15 SKT C . 0.59 -0.39 -2.00
C16 SKT C . 0.50 -1.39 -3.04
O17 SKT C . 0.58 1.41 0.21
C18 SKT C . -0.77 -1.89 -3.33
C19 SKT C . -0.93 -2.88 -4.29
C20 SKT C . 0.19 -3.35 -4.97
C21 SKT C . 1.47 -2.87 -4.67
C22 SKT C . 1.61 -1.89 -3.70
O23 SKT C . 0.08 -4.34 -5.94
H6 SKT C . 4.31 2.52 5.02
H5 SKT C . 3.06 0.60 4.72
H4 SKT C . 3.91 0.24 2.51
H3 SKT C . 1.99 2.23 1.85
H1 SKT C . 3.75 3.62 1.32
H2 SKT C . 4.75 2.43 1.20
H8 SKT C . 1.31 1.38 4.82
H9 SKT C . 2.57 -1.10 2.24
H10 SKT C . 2.55 -0.45 -1.47
H11 SKT C . -0.22 0.02 -1.76
H12 SKT C . -1.52 -1.57 -2.88
H13 SKT C . -1.78 -3.20 -4.49
H14 SKT C . 2.21 -3.20 -5.13
H15 SKT C . 2.46 -1.56 -3.51
H16 SKT C . -0.58 -4.14 -6.43
C1 GOL D . 10.74 14.70 -13.96
O1 GOL D . 10.99 14.61 -12.60
C2 GOL D . 9.28 15.08 -14.18
O2 GOL D . 9.13 16.41 -13.75
C3 GOL D . 8.98 14.98 -15.68
O3 GOL D . 9.18 13.66 -16.07
H11 GOL D . 11.31 15.39 -14.35
H12 GOL D . 10.92 13.85 -14.39
HO1 GOL D . 11.76 14.28 -12.47
H2 GOL D . 8.70 14.49 -13.68
HO2 GOL D . 9.69 16.91 -14.16
H31 GOL D . 8.05 15.24 -15.85
H32 GOL D . 9.58 15.56 -16.18
HO3 GOL D . 9.02 13.58 -16.91
#